data_8JPV
#
_entry.id   8JPV
#
_cell.length_a   40.310
_cell.length_b   62.540
_cell.length_c   190.280
_cell.angle_alpha   90.00
_cell.angle_beta   90.00
_cell.angle_gamma   90.00
#
_symmetry.space_group_name_H-M   'P 21 21 21'
#
loop_
_entity.id
_entity.type
_entity.pdbx_description
1 polymer 'Glutamate--tRNA ligase'
2 water water
#
_entity_poly.entity_id   1
_entity_poly.type   'polypeptide(L)'
_entity_poly.pdbx_seq_one_letter_code
;MTSTTPSHPRVRFAPSPTGYLHVGGARTALFNWLYARHTNGTFILRIEDTDASRNTPQALSVIFENLRWLGLDWDEGPLP
DGRTIGPFGPYFQSQRNDIYEAYCKKLIDKDMAYIKEGAVLFRMPRKRIIVPDIICGDIYFDCTLEKDFVIRRKDGSFVF
HLVNVVDDCEMKISHVIRGEDHLSNTPKHIAIFESLGIKPPLYAHIPLILNPEGSKMSKRDKGSSVQEYIDEGYLPKAFR
NYLCLLGWSIKENREIFDIEEAIAKFDLTQIHRSNARFNRQKLLWLNGEYMRTMPLDELFPHALSWLKKAGLIDDHYDNI
PFLKGAVAIVREKVKTGKELIDWIKPLLSNQIEYNDAVLQQYLDNEGKNILKEAFPYLEKVSPFHSKELEETIKSLAMKH
GRKTADYIHRLRVALTGRTVGPSLYPMLEVLGKEKVLNRLHKVLFEHE
;
_entity_poly.pdbx_strand_id   A
#
# COMPACT_ATOMS: atom_id res chain seq x y z
N SER A 7 -16.41 19.97 11.52
CA SER A 7 -17.68 19.47 10.92
C SER A 7 -17.82 19.91 9.47
N HIS A 8 -17.21 21.05 9.11
CA HIS A 8 -17.37 21.70 7.82
C HIS A 8 -16.51 21.18 6.65
N PRO A 9 -15.20 20.98 6.84
CA PRO A 9 -14.31 20.84 5.65
C PRO A 9 -14.76 19.84 4.58
N ARG A 10 -14.53 20.20 3.33
CA ARG A 10 -14.82 19.36 2.19
C ARG A 10 -13.57 19.32 1.29
N VAL A 11 -12.92 18.17 1.25
CA VAL A 11 -11.67 17.95 0.54
C VAL A 11 -11.86 16.88 -0.51
N ARG A 12 -10.94 16.80 -1.45
CA ARG A 12 -11.11 15.83 -2.54
C ARG A 12 -9.78 15.23 -2.99
N PHE A 13 -9.89 14.00 -3.48
CA PHE A 13 -8.90 13.29 -4.22
C PHE A 13 -9.44 13.10 -5.62
N ALA A 14 -8.69 13.53 -6.63
CA ALA A 14 -9.17 13.62 -8.01
C ALA A 14 -8.26 12.93 -9.01
N PRO A 15 -8.13 11.61 -8.95
CA PRO A 15 -7.20 10.92 -9.85
C PRO A 15 -7.66 10.63 -11.29
N SER A 16 -6.69 10.21 -12.08
CA SER A 16 -6.84 9.80 -13.44
C SER A 16 -6.67 8.31 -13.46
N PRO A 17 -7.61 7.59 -14.02
CA PRO A 17 -7.47 6.15 -14.10
C PRO A 17 -6.56 5.75 -15.21
N THR A 18 -5.41 5.22 -14.84
CA THR A 18 -4.41 4.80 -15.78
C THR A 18 -4.12 3.34 -15.72
N GLY A 19 -4.66 2.64 -14.75
CA GLY A 19 -4.39 1.21 -14.59
C GLY A 19 -3.71 0.82 -13.29
N TYR A 20 -3.21 1.82 -12.56
CA TYR A 20 -2.51 1.60 -11.29
C TYR A 20 -2.69 2.82 -10.42
N LEU A 21 -2.61 2.62 -9.11
CA LEU A 21 -2.62 3.72 -8.16
C LEU A 21 -1.18 3.95 -7.72
N HIS A 22 -0.64 5.13 -8.07
CA HIS A 22 0.69 5.50 -7.68
C HIS A 22 0.76 5.68 -6.16
N VAL A 23 1.90 5.33 -5.59
CA VAL A 23 2.10 5.44 -4.16
C VAL A 23 1.82 6.89 -3.68
N GLY A 24 2.35 7.86 -4.40
CA GLY A 24 2.09 9.26 -4.10
C GLY A 24 0.65 9.66 -4.19
N GLY A 25 -0.04 9.13 -5.19
CA GLY A 25 -1.49 9.29 -5.29
C GLY A 25 -2.22 8.69 -4.09
N ALA A 26 -1.75 7.52 -3.65
CA ALA A 26 -2.30 6.90 -2.47
C ALA A 26 -2.09 7.76 -1.23
N ARG A 27 -0.90 8.36 -1.11
CA ARG A 27 -0.63 9.21 0.03
C ARG A 27 -1.50 10.46 0.01
N THR A 28 -1.64 11.06 -1.16
CA THR A 28 -2.52 12.22 -1.28
C THR A 28 -3.95 11.85 -0.88
N ALA A 29 -4.44 10.70 -1.32
CA ALA A 29 -5.77 10.26 -0.91
C ALA A 29 -5.84 10.07 0.60
N LEU A 30 -4.79 9.50 1.18
CA LEU A 30 -4.76 9.26 2.62
C LEU A 30 -4.78 10.57 3.43
N PHE A 31 -3.94 11.51 3.04
CA PHE A 31 -3.89 12.81 3.70
C PHE A 31 -5.24 13.52 3.63
N ASN A 32 -5.89 13.48 2.47
CA ASN A 32 -7.24 14.06 2.37
C ASN A 32 -8.23 13.31 3.26
N TRP A 33 -8.16 11.99 3.23
CA TRP A 33 -9.01 11.17 4.07
C TRP A 33 -8.72 11.43 5.55
N LEU A 34 -7.46 11.55 5.90
CA LEU A 34 -7.11 11.82 7.29
C LEU A 34 -7.67 13.17 7.73
N TYR A 35 -7.52 14.19 6.90
CA TYR A 35 -7.97 15.52 7.29
C TYR A 35 -9.49 15.57 7.44
N ALA A 36 -10.20 14.96 6.49
CA ALA A 36 -11.64 14.87 6.58
C ALA A 36 -12.08 14.18 7.86
N ARG A 37 -11.47 13.05 8.17
CA ARG A 37 -11.83 12.31 9.37
C ARG A 37 -11.43 13.06 10.64
N HIS A 38 -10.32 13.79 10.60
CA HIS A 38 -9.90 14.55 11.77
C HIS A 38 -10.89 15.71 12.10
N THR A 39 -11.39 16.36 11.06
CA THR A 39 -12.19 17.56 11.23
C THR A 39 -13.68 17.27 11.11
N ASN A 40 -14.05 15.99 11.10
CA ASN A 40 -15.44 15.59 10.85
C ASN A 40 -15.99 16.17 9.55
N GLY A 41 -15.10 16.34 8.58
CA GLY A 41 -15.45 16.85 7.27
C GLY A 41 -15.86 15.74 6.31
N THR A 42 -15.84 16.07 5.02
CA THR A 42 -16.36 15.20 4.00
C THR A 42 -15.29 15.01 2.93
N PHE A 43 -15.02 13.75 2.60
CA PHE A 43 -13.98 13.37 1.62
C PHE A 43 -14.64 12.91 0.34
N ILE A 44 -14.33 13.62 -0.74
CA ILE A 44 -14.92 13.41 -2.05
C ILE A 44 -13.93 12.75 -2.98
N LEU A 45 -14.45 11.88 -3.84
CA LEU A 45 -13.67 11.26 -4.90
C LEU A 45 -14.21 11.65 -6.25
N ARG A 46 -13.41 12.33 -7.05
CA ARG A 46 -13.82 12.61 -8.43
C ARG A 46 -12.81 12.06 -9.37
N ILE A 47 -13.24 11.71 -10.57
CA ILE A 47 -12.36 11.05 -11.48
C ILE A 47 -12.10 11.91 -12.69
N GLU A 48 -10.85 12.08 -13.03
CA GLU A 48 -10.50 12.86 -14.18
C GLU A 48 -10.29 11.93 -15.36
N ASP A 49 -11.38 11.60 -16.03
CA ASP A 49 -11.35 10.69 -17.16
C ASP A 49 -11.36 11.47 -18.45
N THR A 50 -10.19 12.00 -18.81
CA THR A 50 -10.04 12.89 -19.96
C THR A 50 -10.02 12.12 -21.29
N ASP A 51 -9.03 11.25 -21.46
CA ASP A 51 -8.86 10.54 -22.73
C ASP A 51 -9.48 9.15 -22.66
N ALA A 52 -10.32 8.83 -23.64
CA ALA A 52 -11.03 7.56 -23.66
C ALA A 52 -10.11 6.35 -23.81
N SER A 53 -8.93 6.55 -24.41
CA SER A 53 -8.01 5.46 -24.70
C SER A 53 -7.41 4.82 -23.45
N ARG A 54 -6.96 5.66 -22.52
CA ARG A 54 -6.28 5.19 -21.33
C ARG A 54 -7.17 5.17 -20.07
N ASN A 55 -8.45 5.51 -20.19
CA ASN A 55 -9.35 5.58 -19.04
C ASN A 55 -10.39 4.49 -19.08
N THR A 56 -9.93 3.24 -18.98
CA THR A 56 -10.79 2.04 -19.08
C THR A 56 -11.51 1.72 -17.75
N PRO A 57 -12.61 0.96 -17.79
CA PRO A 57 -13.23 0.55 -16.52
C PRO A 57 -12.30 -0.30 -15.63
N GLN A 58 -11.38 -1.04 -16.24
CA GLN A 58 -10.39 -1.81 -15.49
C GLN A 58 -9.55 -0.91 -14.61
N ALA A 59 -9.15 0.25 -15.14
CA ALA A 59 -8.33 1.21 -14.39
C ALA A 59 -9.13 1.77 -13.22
N LEU A 60 -10.43 2.02 -13.43
CA LEU A 60 -11.26 2.54 -12.36
C LEU A 60 -11.33 1.55 -11.20
N SER A 61 -11.45 0.27 -11.52
CA SER A 61 -11.55 -0.76 -10.48
C SER A 61 -10.30 -0.76 -9.61
N VAL A 62 -9.14 -0.49 -10.20
CA VAL A 62 -7.91 -0.45 -9.47
C VAL A 62 -7.97 0.64 -8.40
N ILE A 63 -8.47 1.82 -8.75
CA ILE A 63 -8.59 2.88 -7.77
C ILE A 63 -9.55 2.49 -6.62
N PHE A 64 -10.69 1.92 -6.97
CA PHE A 64 -11.63 1.48 -5.95
C PHE A 64 -11.00 0.42 -5.02
N GLU A 65 -10.41 -0.61 -5.60
CA GLU A 65 -9.92 -1.72 -4.83
C GLU A 65 -8.67 -1.37 -4.02
N ASN A 66 -7.78 -0.56 -4.59
CA ASN A 66 -6.59 -0.14 -3.87
C ASN A 66 -6.94 0.73 -2.66
N LEU A 67 -7.84 1.69 -2.85
CA LEU A 67 -8.28 2.53 -1.73
C LEU A 67 -8.99 1.74 -0.64
N ARG A 68 -9.89 0.85 -1.05
CA ARG A 68 -10.58 0.01 -0.08
C ARG A 68 -9.61 -0.91 0.64
N TRP A 69 -8.67 -1.47 -0.10
CA TRP A 69 -7.63 -2.30 0.51
C TRP A 69 -6.86 -1.55 1.60
N LEU A 70 -6.78 -0.23 1.47
CA LEU A 70 -6.13 0.61 2.48
C LEU A 70 -7.06 1.07 3.57
N GLY A 71 -8.33 0.67 3.51
CA GLY A 71 -9.29 1.09 4.50
C GLY A 71 -9.82 2.51 4.32
N LEU A 72 -9.62 3.08 3.14
CA LEU A 72 -9.98 4.46 2.88
C LEU A 72 -11.29 4.45 2.09
N ASP A 73 -12.35 4.86 2.75
CA ASP A 73 -13.66 5.02 2.09
C ASP A 73 -13.72 6.45 1.51
N TRP A 74 -14.85 6.78 0.93
CA TRP A 74 -15.12 8.18 0.55
C TRP A 74 -16.59 8.46 0.77
N ASP A 75 -16.88 9.72 1.08
CA ASP A 75 -18.23 10.14 1.45
C ASP A 75 -19.10 10.45 0.23
N GLU A 76 -18.51 11.00 -0.83
CA GLU A 76 -19.20 11.22 -2.09
C GLU A 76 -18.31 10.74 -3.22
N GLY A 77 -18.93 10.35 -4.34
CA GLY A 77 -18.21 9.94 -5.50
C GLY A 77 -18.71 8.67 -6.13
N PRO A 78 -18.07 8.26 -7.24
CA PRO A 78 -18.52 7.07 -7.93
C PRO A 78 -18.25 5.80 -7.14
N LEU A 79 -19.00 4.75 -7.49
CA LEU A 79 -18.91 3.44 -6.88
C LEU A 79 -18.97 2.44 -8.04
N PRO A 80 -18.67 1.17 -7.78
CA PRO A 80 -18.66 0.23 -8.90
C PRO A 80 -20.01 0.06 -9.57
N ASP A 81 -19.98 -0.45 -10.81
CA ASP A 81 -21.20 -0.79 -11.57
C ASP A 81 -22.08 0.44 -11.82
N GLY A 82 -21.45 1.54 -12.18
CA GLY A 82 -22.18 2.73 -12.58
C GLY A 82 -22.92 3.45 -11.46
N ARG A 83 -22.51 3.23 -10.22
CA ARG A 83 -23.17 3.83 -9.07
C ARG A 83 -22.49 5.12 -8.64
N THR A 84 -23.20 5.88 -7.82
CA THR A 84 -22.68 7.11 -7.30
C THR A 84 -23.37 7.44 -5.98
N ILE A 85 -22.68 8.16 -5.11
CA ILE A 85 -23.28 8.69 -3.90
C ILE A 85 -22.74 10.10 -3.73
N GLY A 86 -23.57 10.99 -3.21
CA GLY A 86 -23.22 12.38 -3.07
C GLY A 86 -24.13 13.30 -3.85
N PRO A 87 -24.52 14.42 -3.23
CA PRO A 87 -25.37 15.38 -3.92
C PRO A 87 -24.65 16.40 -4.76
N PHE A 88 -23.33 16.37 -4.80
CA PHE A 88 -22.55 17.32 -5.63
C PHE A 88 -22.01 16.67 -6.91
N GLY A 89 -22.67 15.62 -7.39
CA GLY A 89 -22.26 14.91 -8.58
C GLY A 89 -22.71 15.60 -9.84
N PRO A 90 -22.47 14.99 -11.01
CA PRO A 90 -21.74 13.72 -11.17
C PRO A 90 -20.25 13.91 -10.91
N TYR A 91 -19.56 12.82 -10.53
CA TYR A 91 -18.18 12.89 -10.10
C TYR A 91 -17.19 12.41 -11.17
N PHE A 92 -17.62 12.43 -12.43
CA PHE A 92 -16.77 12.15 -13.57
C PHE A 92 -16.64 13.42 -14.42
N GLN A 93 -15.39 13.76 -14.79
CA GLN A 93 -15.15 14.96 -15.57
C GLN A 93 -15.88 14.90 -16.92
N SER A 94 -15.92 13.72 -17.54
CA SER A 94 -16.59 13.55 -18.81
C SER A 94 -18.11 13.79 -18.76
N GLN A 95 -18.71 13.75 -17.58
CA GLN A 95 -20.15 14.01 -17.43
C GLN A 95 -20.48 15.42 -16.97
N ARG A 96 -19.49 16.33 -16.96
CA ARG A 96 -19.68 17.68 -16.45
C ARG A 96 -19.39 18.77 -17.49
N ASN A 97 -19.42 18.40 -18.78
CA ASN A 97 -19.02 19.33 -19.85
C ASN A 97 -19.93 20.56 -19.99
N ASP A 98 -21.23 20.36 -19.81
CA ASP A 98 -22.16 21.48 -19.77
C ASP A 98 -21.77 22.50 -18.68
N ILE A 99 -21.39 22.01 -17.50
CA ILE A 99 -21.01 22.88 -16.38
C ILE A 99 -19.76 23.70 -16.75
N TYR A 100 -18.77 23.04 -17.36
CA TYR A 100 -17.55 23.72 -17.79
C TYR A 100 -17.85 24.83 -18.78
N GLU A 101 -18.81 24.60 -19.66
CA GLU A 101 -19.21 25.62 -20.62
C GLU A 101 -19.86 26.79 -19.91
N ALA A 102 -20.80 26.51 -19.01
CA ALA A 102 -21.49 27.57 -18.27
C ALA A 102 -20.51 28.49 -17.56
N TYR A 103 -19.48 27.88 -16.94
CA TYR A 103 -18.44 28.68 -16.30
C TYR A 103 -17.60 29.43 -17.33
N CYS A 104 -17.28 28.77 -18.43
CA CYS A 104 -16.45 29.36 -19.46
C CYS A 104 -17.19 30.46 -20.21
N LYS A 105 -18.49 30.28 -20.42
CA LYS A 105 -19.31 31.32 -21.04
C LYS A 105 -19.48 32.49 -20.07
N LYS A 106 -19.62 32.20 -18.77
CA LYS A 106 -19.73 33.25 -17.77
C LYS A 106 -18.48 34.12 -17.76
N LEU A 107 -17.33 33.48 -17.89
CA LEU A 107 -16.06 34.23 -17.93
C LEU A 107 -16.00 35.16 -19.13
N ILE A 108 -16.40 34.66 -20.28
CA ILE A 108 -16.44 35.49 -21.48
C ILE A 108 -17.41 36.67 -21.28
N ASP A 109 -18.62 36.38 -20.81
CA ASP A 109 -19.60 37.42 -20.51
C ASP A 109 -19.06 38.48 -19.56
N LYS A 110 -18.18 38.09 -18.63
CA LYS A 110 -17.56 39.05 -17.72
C LYS A 110 -16.35 39.76 -18.32
N ASP A 111 -15.99 39.44 -19.56
CA ASP A 111 -14.74 39.87 -20.21
C ASP A 111 -13.50 39.30 -19.53
N MET A 112 -13.67 38.31 -18.66
CA MET A 112 -12.53 37.65 -18.00
C MET A 112 -11.84 36.67 -18.95
N ALA A 113 -12.48 36.35 -20.08
CA ALA A 113 -11.90 35.47 -21.07
C ALA A 113 -12.32 35.92 -22.44
N TYR A 114 -11.61 35.43 -23.44
CA TYR A 114 -11.88 35.80 -24.80
C TYR A 114 -11.54 34.69 -25.77
N ILE A 115 -12.25 34.68 -26.89
CA ILE A 115 -12.05 33.72 -27.94
C ILE A 115 -10.92 34.15 -28.83
N LYS A 116 -10.04 33.22 -29.11
CA LYS A 116 -8.94 33.51 -29.96
C LYS A 116 -8.59 32.29 -30.79
N GLU A 117 -8.85 32.39 -32.08
CA GLU A 117 -8.54 31.36 -33.04
C GLU A 117 -9.14 30.01 -32.71
N GLY A 118 -10.37 30.02 -32.27
CA GLY A 118 -11.04 28.78 -31.96
C GLY A 118 -10.93 28.21 -30.56
N ALA A 119 -10.14 28.84 -29.73
CA ALA A 119 -9.95 28.42 -28.35
C ALA A 119 -10.25 29.58 -27.42
N VAL A 120 -10.55 29.28 -26.18
CA VAL A 120 -10.81 30.34 -25.23
C VAL A 120 -9.61 30.58 -24.35
N LEU A 121 -9.31 31.83 -24.12
CA LEU A 121 -8.14 32.22 -23.35
C LEU A 121 -8.57 33.01 -22.11
N PHE A 122 -8.16 32.53 -20.93
CA PHE A 122 -8.39 33.27 -19.69
C PHE A 122 -7.45 34.48 -19.57
N ARG A 123 -8.01 35.62 -19.16
CA ARG A 123 -7.22 36.83 -18.95
C ARG A 123 -6.43 36.73 -17.66
N MET A 124 -5.14 36.41 -17.77
CA MET A 124 -4.29 36.22 -16.61
C MET A 124 -4.00 37.53 -15.87
N PRO A 125 -4.39 37.65 -14.60
CA PRO A 125 -4.03 38.85 -13.83
C PRO A 125 -2.53 38.91 -13.58
N ARG A 126 -1.89 39.93 -14.12
CA ARG A 126 -0.44 40.03 -14.08
C ARG A 126 -0.01 40.91 -12.91
N LYS A 127 -0.18 40.39 -11.71
CA LYS A 127 0.08 41.09 -10.46
C LYS A 127 0.89 40.17 -9.50
N ARG A 128 1.23 40.67 -8.35
CA ARG A 128 1.88 39.74 -7.49
C ARG A 128 0.78 38.89 -6.84
N ILE A 129 1.05 37.62 -6.71
CA ILE A 129 0.14 36.72 -6.01
C ILE A 129 0.87 35.87 -4.98
N ILE A 130 0.47 35.96 -3.71
CA ILE A 130 1.01 35.13 -2.67
C ILE A 130 0.06 33.99 -2.42
N VAL A 131 0.53 32.76 -2.59
CA VAL A 131 -0.26 31.56 -2.27
C VAL A 131 0.01 31.20 -0.82
N PRO A 132 -0.98 31.43 0.08
CA PRO A 132 -0.76 31.06 1.50
C PRO A 132 -0.98 29.56 1.73
N ASP A 133 0.01 28.78 1.33
CA ASP A 133 -0.08 27.35 1.44
C ASP A 133 0.04 26.92 2.89
N ILE A 134 -0.83 26.02 3.31
CA ILE A 134 -0.83 25.52 4.67
C ILE A 134 0.47 24.76 4.97
N ILE A 135 0.97 24.03 3.98
CA ILE A 135 2.13 23.18 4.20
C ILE A 135 3.41 23.95 3.86
N CYS A 136 3.44 24.59 2.70
CA CYS A 136 4.66 25.26 2.22
C CYS A 136 4.79 26.70 2.71
N GLY A 137 3.84 27.18 3.51
CA GLY A 137 3.83 28.58 3.91
C GLY A 137 3.55 29.49 2.72
N ASP A 138 3.73 30.79 2.94
CA ASP A 138 3.46 31.79 1.91
C ASP A 138 4.46 31.66 0.76
N ILE A 139 3.94 31.65 -0.47
CA ILE A 139 4.74 31.49 -1.67
C ILE A 139 4.48 32.70 -2.57
N TYR A 140 5.47 33.60 -2.65
CA TYR A 140 5.38 34.79 -3.49
C TYR A 140 5.54 34.40 -4.95
N PHE A 141 4.60 34.79 -5.79
CA PHE A 141 4.73 34.65 -7.24
C PHE A 141 4.68 36.05 -7.85
N ASP A 142 5.48 36.26 -8.88
CA ASP A 142 5.40 37.48 -9.62
C ASP A 142 4.72 37.06 -10.89
N CYS A 143 3.51 37.51 -11.15
CA CYS A 143 2.81 37.03 -12.34
C CYS A 143 2.72 38.04 -13.48
N THR A 144 3.54 39.09 -13.40
CA THR A 144 3.57 40.10 -14.44
C THR A 144 4.07 39.50 -15.76
N LEU A 145 4.91 38.48 -15.70
CA LEU A 145 5.42 37.83 -16.90
C LEU A 145 4.42 36.83 -17.50
N GLU A 146 3.59 36.24 -16.64
CA GLU A 146 2.71 35.15 -17.04
C GLU A 146 1.75 35.59 -18.14
N LYS A 147 1.77 34.87 -19.26
CA LYS A 147 0.88 35.15 -20.38
C LYS A 147 -0.47 34.46 -20.18
N ASP A 148 -1.47 34.94 -20.88
CA ASP A 148 -2.78 34.28 -20.90
C ASP A 148 -2.66 32.86 -21.40
N PHE A 149 -3.57 31.99 -20.98
CA PHE A 149 -3.50 30.56 -21.31
C PHE A 149 -4.83 30.03 -21.78
N VAL A 150 -4.79 28.91 -22.49
CA VAL A 150 -6.00 28.28 -22.99
C VAL A 150 -6.76 27.65 -21.82
N ILE A 151 -8.06 27.87 -21.77
CA ILE A 151 -8.94 27.15 -20.82
C ILE A 151 -9.82 26.12 -21.53
N ARG A 152 -10.26 26.43 -22.74
CA ARG A 152 -10.92 25.47 -23.63
C ARG A 152 -10.16 25.44 -24.96
N ARG A 153 -9.72 24.25 -25.35
CA ARG A 153 -8.85 24.12 -26.50
C ARG A 153 -9.64 24.14 -27.81
N LYS A 154 -8.93 24.18 -28.93
CA LYS A 154 -9.58 24.29 -30.25
C LYS A 154 -10.59 23.17 -30.50
N ASP A 155 -10.29 21.96 -30.01
CA ASP A 155 -11.21 20.84 -30.13
C ASP A 155 -12.39 20.87 -29.13
N GLY A 156 -12.60 22.00 -28.46
CA GLY A 156 -13.69 22.14 -27.52
C GLY A 156 -13.49 21.52 -26.14
N SER A 157 -12.40 20.78 -25.94
CA SER A 157 -12.11 20.17 -24.64
C SER A 157 -11.65 21.23 -23.64
N PHE A 158 -11.77 20.91 -22.36
CA PHE A 158 -11.50 21.88 -21.29
C PHE A 158 -10.21 21.55 -20.54
N VAL A 159 -9.46 22.58 -20.20
CA VAL A 159 -8.12 22.45 -19.62
C VAL A 159 -8.22 22.14 -18.12
N PHE A 160 -7.24 21.40 -17.60
CA PHE A 160 -7.20 21.12 -16.17
C PHE A 160 -7.30 22.40 -15.30
N HIS A 161 -6.57 23.43 -15.71
CA HIS A 161 -6.53 24.68 -14.94
C HIS A 161 -7.93 25.26 -14.71
N LEU A 162 -8.79 25.17 -15.71
CA LEU A 162 -10.18 25.63 -15.54
C LEU A 162 -11.00 24.55 -14.84
N VAL A 163 -10.81 23.29 -15.25
CA VAL A 163 -11.64 22.19 -14.77
C VAL A 163 -11.62 22.07 -13.25
N ASN A 164 -10.43 22.11 -12.66
CA ASN A 164 -10.29 21.87 -11.23
C ASN A 164 -10.87 22.98 -10.40
N VAL A 165 -10.77 24.21 -10.91
CA VAL A 165 -11.42 25.36 -10.24
C VAL A 165 -12.95 25.24 -10.33
N VAL A 166 -13.46 24.89 -11.49
CA VAL A 166 -14.90 24.76 -11.68
C VAL A 166 -15.48 23.75 -10.69
N ASP A 167 -14.86 22.58 -10.63
CA ASP A 167 -15.36 21.51 -9.80
C ASP A 167 -15.13 21.77 -8.32
N ASP A 168 -14.11 22.54 -7.97
CA ASP A 168 -13.93 22.92 -6.56
C ASP A 168 -15.04 23.88 -6.12
N CYS A 169 -15.45 24.76 -7.04
CA CYS A 169 -16.57 25.65 -6.80
C CYS A 169 -17.89 24.87 -6.67
N GLU A 170 -18.18 24.09 -7.69
CA GLU A 170 -19.43 23.34 -7.74
C GLU A 170 -19.58 22.35 -6.61
N MET A 171 -18.47 21.77 -6.16
CA MET A 171 -18.50 20.76 -5.10
C MET A 171 -18.21 21.35 -3.73
N LYS A 172 -18.09 22.67 -3.65
CA LYS A 172 -17.91 23.37 -2.37
C LYS A 172 -16.72 22.85 -1.60
N ILE A 173 -15.57 22.79 -2.29
CA ILE A 173 -14.35 22.28 -1.71
C ILE A 173 -13.71 23.36 -0.87
N SER A 174 -13.44 23.06 0.40
CA SER A 174 -12.87 24.03 1.31
C SER A 174 -11.32 24.01 1.31
N HIS A 175 -10.73 22.81 1.24
CA HIS A 175 -9.29 22.64 1.28
C HIS A 175 -8.88 21.76 0.12
N VAL A 176 -7.91 22.24 -0.66
CA VAL A 176 -7.36 21.47 -1.78
C VAL A 176 -6.01 20.92 -1.33
N ILE A 177 -5.95 19.61 -1.11
CA ILE A 177 -4.73 18.95 -0.66
C ILE A 177 -4.23 18.11 -1.81
N ARG A 178 -3.06 18.45 -2.32
CA ARG A 178 -2.49 17.76 -3.47
C ARG A 178 -0.98 17.85 -3.44
N GLY A 179 -0.33 17.22 -4.41
CA GLY A 179 1.12 17.20 -4.40
C GLY A 179 1.73 18.54 -4.77
N GLU A 180 2.99 18.75 -4.39
CA GLU A 180 3.70 20.03 -4.70
C GLU A 180 4.07 20.27 -6.17
N ASP A 181 3.77 19.33 -7.06
CA ASP A 181 3.93 19.51 -8.48
C ASP A 181 2.85 20.40 -9.08
N HIS A 182 1.78 20.68 -8.34
CA HIS A 182 0.74 21.60 -8.70
C HIS A 182 0.97 22.98 -8.19
N LEU A 183 1.91 23.18 -7.29
CA LEU A 183 2.08 24.49 -6.69
C LEU A 183 2.35 25.60 -7.67
N SER A 184 3.12 25.34 -8.71
CA SER A 184 3.43 26.39 -9.66
C SER A 184 2.23 26.93 -10.46
N ASN A 185 1.17 26.16 -10.61
CA ASN A 185 0.00 26.63 -11.30
C ASN A 185 -1.13 27.15 -10.45
N THR A 186 -1.00 27.09 -9.13
CA THR A 186 -2.01 27.60 -8.22
C THR A 186 -2.32 29.09 -8.39
N PRO A 187 -1.33 29.93 -8.77
CA PRO A 187 -1.69 31.30 -9.16
C PRO A 187 -2.71 31.38 -10.30
N LYS A 188 -2.66 30.48 -11.26
CA LYS A 188 -3.66 30.45 -12.32
C LYS A 188 -5.02 30.10 -11.73
N HIS A 189 -5.04 29.14 -10.81
CA HIS A 189 -6.28 28.67 -10.22
C HIS A 189 -6.89 29.72 -9.30
N ILE A 190 -6.05 30.36 -8.49
CA ILE A 190 -6.54 31.43 -7.64
C ILE A 190 -7.14 32.57 -8.51
N ALA A 191 -6.49 32.88 -9.62
CA ALA A 191 -6.97 33.93 -10.50
C ALA A 191 -8.38 33.64 -11.04
N ILE A 192 -8.64 32.38 -11.40
CA ILE A 192 -9.96 32.02 -11.94
C ILE A 192 -11.06 32.19 -10.86
N PHE A 193 -10.82 31.67 -9.66
CA PHE A 193 -11.73 31.88 -8.54
C PHE A 193 -12.09 33.34 -8.39
N GLU A 194 -11.10 34.21 -8.50
CA GLU A 194 -11.30 35.65 -8.31
C GLU A 194 -12.06 36.25 -9.48
N SER A 195 -11.73 35.83 -10.69
CA SER A 195 -12.48 36.25 -11.87
C SER A 195 -13.92 35.77 -11.86
N LEU A 196 -14.26 34.84 -10.97
CA LEU A 196 -15.64 34.40 -10.76
C LEU A 196 -16.29 34.96 -9.50
N GLY A 197 -15.58 35.80 -8.75
CA GLY A 197 -16.10 36.33 -7.49
C GLY A 197 -16.29 35.31 -6.39
N ILE A 198 -15.57 34.21 -6.46
CA ILE A 198 -15.70 33.13 -5.50
C ILE A 198 -14.41 33.06 -4.71
N LYS A 199 -14.53 32.88 -3.39
CA LYS A 199 -13.32 32.86 -2.55
C LYS A 199 -12.55 31.59 -2.83
N PRO A 200 -11.25 31.72 -3.10
CA PRO A 200 -10.48 30.52 -3.40
C PRO A 200 -10.37 29.61 -2.18
N PRO A 201 -10.21 28.30 -2.41
CA PRO A 201 -10.07 27.40 -1.25
C PRO A 201 -8.69 27.55 -0.65
N LEU A 202 -8.50 27.04 0.56
CA LEU A 202 -7.17 27.00 1.12
C LEU A 202 -6.39 25.84 0.49
N TYR A 203 -5.11 26.08 0.28
CA TYR A 203 -4.27 25.11 -0.44
C TYR A 203 -3.21 24.54 0.48
N ALA A 204 -2.99 23.23 0.36
CA ALA A 204 -1.99 22.50 1.11
C ALA A 204 -1.24 21.58 0.14
N HIS A 205 -0.06 22.00 -0.27
CA HIS A 205 0.73 21.29 -1.26
C HIS A 205 1.80 20.44 -0.56
N ILE A 206 1.83 19.16 -0.90
CA ILE A 206 2.68 18.21 -0.19
C ILE A 206 3.95 18.03 -1.00
N PRO A 207 5.13 18.24 -0.38
CA PRO A 207 6.37 17.94 -1.07
C PRO A 207 6.38 16.52 -1.62
N LEU A 208 6.98 16.37 -2.80
CA LEU A 208 7.01 15.09 -3.46
C LEU A 208 7.91 14.07 -2.74
N ILE A 209 7.49 12.82 -2.81
CA ILE A 209 8.27 11.73 -2.26
C ILE A 209 9.48 11.52 -3.18
N LEU A 210 10.66 11.34 -2.57
CA LEU A 210 11.87 11.00 -3.31
C LEU A 210 12.47 9.69 -2.83
N ASN A 211 13.20 9.04 -3.72
CA ASN A 211 14.03 7.90 -3.35
C ASN A 211 15.22 8.38 -2.50
N PRO A 212 15.90 7.43 -1.80
CA PRO A 212 17.04 7.88 -0.99
C PRO A 212 18.16 8.58 -1.78
N GLU A 213 18.26 8.31 -3.07
CA GLU A 213 19.26 8.93 -3.93
C GLU A 213 18.74 10.11 -4.71
N GLY A 214 17.56 10.60 -4.38
CA GLY A 214 17.05 11.88 -4.90
C GLY A 214 16.11 11.78 -6.08
N SER A 215 15.98 10.65 -6.68
CA SER A 215 15.07 10.52 -7.79
C SER A 215 13.62 10.42 -7.41
N LYS A 216 12.81 10.79 -8.37
CA LYS A 216 11.39 10.63 -8.21
C LYS A 216 11.01 9.18 -8.43
N MET A 217 9.89 8.79 -7.90
CA MET A 217 9.42 7.46 -8.08
C MET A 217 8.65 7.57 -9.34
N SER A 218 9.28 7.20 -10.42
CA SER A 218 8.64 7.36 -11.72
C SER A 218 7.62 6.25 -11.96
N LYS A 219 6.79 6.45 -12.98
CA LYS A 219 5.56 5.68 -13.16
C LYS A 219 5.83 4.26 -13.69
N ARG A 220 6.92 4.10 -14.45
CA ARG A 220 7.30 2.81 -15.02
C ARG A 220 8.35 2.09 -14.16
N ASP A 221 8.68 2.65 -13.01
CA ASP A 221 9.63 2.03 -12.10
C ASP A 221 8.98 0.99 -11.26
N LYS A 222 9.80 0.14 -10.68
CA LYS A 222 9.29 -0.88 -9.82
C LYS A 222 9.01 -0.28 -8.48
N GLY A 223 7.92 -0.69 -7.86
CA GLY A 223 7.52 -0.18 -6.55
C GLY A 223 6.88 1.19 -6.56
N SER A 224 6.49 1.67 -7.74
CA SER A 224 5.73 2.92 -7.85
C SER A 224 4.22 2.75 -7.58
N SER A 225 3.72 1.51 -7.62
CA SER A 225 2.27 1.27 -7.57
C SER A 225 1.89 0.52 -6.30
N VAL A 226 0.66 0.76 -5.85
CA VAL A 226 0.13 0.11 -4.67
C VAL A 226 -0.08 -1.37 -4.95
N GLN A 227 -0.60 -1.70 -6.13
CA GLN A 227 -0.86 -3.11 -6.48
C GLN A 227 0.38 -3.98 -6.34
N GLU A 228 1.55 -3.41 -6.63
CA GLU A 228 2.79 -4.18 -6.55
C GLU A 228 3.04 -4.66 -5.14
N TYR A 229 2.78 -3.83 -4.14
CA TYR A 229 3.02 -4.23 -2.74
C TYR A 229 1.97 -5.20 -2.26
N ILE A 230 0.75 -5.08 -2.77
CA ILE A 230 -0.30 -6.00 -2.42
C ILE A 230 0.07 -7.38 -2.90
N ASP A 231 0.60 -7.43 -4.12
CA ASP A 231 0.99 -8.63 -4.81
C ASP A 231 2.17 -9.26 -4.18
N GLU A 232 3.01 -8.45 -3.57
CA GLU A 232 4.18 -8.92 -2.90
C GLU A 232 3.91 -9.44 -1.51
N GLY A 233 2.72 -9.24 -0.99
CA GLY A 233 2.38 -9.73 0.31
C GLY A 233 2.49 -8.74 1.42
N TYR A 234 2.32 -7.46 1.10
CA TYR A 234 2.31 -6.44 2.15
C TYR A 234 0.96 -6.40 2.84
N LEU A 235 0.96 -5.92 4.08
CA LEU A 235 -0.25 -5.88 4.87
C LEU A 235 -0.92 -4.48 4.78
N PRO A 236 -2.24 -4.42 4.65
CA PRO A 236 -2.94 -3.16 4.50
C PRO A 236 -2.60 -2.11 5.58
N LYS A 237 -2.81 -2.48 6.84
CA LYS A 237 -2.55 -1.59 7.95
C LYS A 237 -1.09 -1.16 8.05
N ALA A 238 -0.20 -2.04 7.61
CA ALA A 238 1.24 -1.74 7.64
C ALA A 238 1.62 -0.75 6.54
N PHE A 239 1.15 -1.02 5.32
CA PHE A 239 1.47 -0.13 4.21
C PHE A 239 0.91 1.27 4.47
N ARG A 240 -0.29 1.31 5.05
CA ARG A 240 -0.95 2.59 5.36
C ARG A 240 -0.24 3.33 6.49
N ASN A 241 0.17 2.61 7.52
CA ASN A 241 0.98 3.20 8.57
C ASN A 241 2.22 3.83 7.93
N TYR A 242 2.92 3.11 7.05
CA TYR A 242 4.10 3.69 6.38
C TYR A 242 3.73 4.89 5.50
N LEU A 243 2.55 4.84 4.87
CA LEU A 243 2.11 5.98 4.06
C LEU A 243 1.95 7.26 4.92
N CYS A 244 1.47 7.12 6.16
CA CYS A 244 1.41 8.25 7.09
C CYS A 244 2.78 8.81 7.42
N LEU A 245 3.80 7.97 7.36
CA LEU A 245 5.16 8.40 7.70
C LEU A 245 5.84 9.22 6.62
N LEU A 246 5.21 9.33 5.45
CA LEU A 246 5.81 9.98 4.31
C LEU A 246 5.46 11.46 4.35
N GLY A 247 6.22 12.19 5.16
CA GLY A 247 6.03 13.63 5.32
C GLY A 247 5.29 14.00 6.58
N TRP A 248 4.96 13.02 7.44
CA TRP A 248 4.25 13.30 8.69
C TRP A 248 4.74 12.36 9.77
N SER A 249 4.56 12.80 11.01
CA SER A 249 4.91 12.02 12.20
C SER A 249 4.00 12.42 13.35
N ILE A 250 3.97 11.56 14.36
CA ILE A 250 3.44 11.91 15.67
C ILE A 250 4.65 12.31 16.52
N LYS A 251 4.45 13.31 17.38
CA LYS A 251 5.54 13.92 18.15
C LYS A 251 6.41 12.89 18.88
N GLU A 252 5.82 11.80 19.33
CA GLU A 252 6.58 10.70 19.94
C GLU A 252 7.58 10.10 18.94
N ASN A 253 7.22 10.17 17.65
CA ASN A 253 8.03 9.62 16.55
C ASN A 253 8.29 8.12 16.66
N ARG A 254 7.65 7.41 17.60
CA ARG A 254 7.33 6.00 17.37
C ARG A 254 6.62 5.90 16.03
N GLU A 255 7.13 5.03 15.16
CA GLU A 255 6.66 4.96 13.80
C GLU A 255 5.44 4.06 13.63
N ILE A 256 5.12 3.24 14.63
CA ILE A 256 3.98 2.35 14.56
C ILE A 256 2.81 2.94 15.37
N PHE A 257 1.68 3.16 14.71
CA PHE A 257 0.45 3.62 15.33
C PHE A 257 -0.71 3.22 14.46
N ASP A 258 -1.89 3.04 15.06
CA ASP A 258 -3.06 2.70 14.26
C ASP A 258 -3.73 3.95 13.72
N ILE A 259 -4.56 3.75 12.71
CA ILE A 259 -5.14 4.85 11.96
C ILE A 259 -6.01 5.77 12.86
N GLU A 260 -6.56 5.21 13.94
CA GLU A 260 -7.32 6.02 14.90
C GLU A 260 -6.44 7.08 15.56
N GLU A 261 -5.24 6.70 15.96
CA GLU A 261 -4.27 7.66 16.46
C GLU A 261 -3.92 8.69 15.36
N ALA A 262 -3.70 8.22 14.15
CA ALA A 262 -3.37 9.10 13.05
C ALA A 262 -4.47 10.12 12.81
N ILE A 263 -5.72 9.68 12.88
CA ILE A 263 -6.85 10.59 12.70
C ILE A 263 -6.88 11.62 13.82
N ALA A 264 -6.77 11.14 15.05
CA ALA A 264 -6.84 11.99 16.23
C ALA A 264 -5.79 13.10 16.21
N LYS A 265 -4.61 12.83 15.66
CA LYS A 265 -3.49 13.75 15.69
C LYS A 265 -3.18 14.43 14.37
N PHE A 266 -3.82 14.05 13.28
CA PHE A 266 -3.41 14.58 11.96
C PHE A 266 -3.66 16.06 11.90
N ASP A 267 -2.65 16.77 11.39
CA ASP A 267 -2.77 18.18 11.12
C ASP A 267 -1.93 18.50 9.90
N LEU A 268 -2.50 19.25 8.97
CA LEU A 268 -1.80 19.66 7.78
C LEU A 268 -0.58 20.51 8.10
N THR A 269 -0.69 21.36 9.11
CA THR A 269 0.44 22.23 9.47
C THR A 269 1.59 21.47 10.10
N GLN A 270 1.45 20.16 10.33
CA GLN A 270 2.55 19.33 10.83
C GLN A 270 3.18 18.44 9.77
N ILE A 271 2.76 18.58 8.51
CA ILE A 271 3.40 17.88 7.43
C ILE A 271 4.77 18.53 7.19
N HIS A 272 5.80 17.70 6.99
CA HIS A 272 7.15 18.19 6.87
C HIS A 272 7.31 19.06 5.63
N ARG A 273 8.08 20.12 5.77
CA ARG A 273 8.35 21.01 4.66
C ARG A 273 9.30 20.38 3.63
N SER A 274 10.13 19.44 4.09
CA SER A 274 11.09 18.79 3.22
C SER A 274 10.53 17.50 2.67
N ASN A 275 11.09 17.07 1.55
CA ASN A 275 10.62 15.89 0.86
C ASN A 275 10.71 14.63 1.72
N ALA A 276 9.66 13.81 1.67
CA ALA A 276 9.65 12.49 2.25
C ALA A 276 10.56 11.57 1.43
N ARG A 277 11.24 10.69 2.11
CA ARG A 277 12.09 9.75 1.46
C ARG A 277 11.49 8.37 1.54
N PHE A 278 11.38 7.71 0.41
CA PHE A 278 10.78 6.41 0.38
C PHE A 278 11.81 5.39 0.76
N ASN A 279 11.66 4.88 1.96
CA ASN A 279 12.61 3.94 2.54
C ASN A 279 11.99 2.53 2.49
N ARG A 280 12.44 1.72 1.54
CA ARG A 280 11.91 0.38 1.33
C ARG A 280 12.27 -0.56 2.46
N GLN A 281 13.38 -0.31 3.10
CA GLN A 281 13.83 -1.15 4.20
C GLN A 281 12.97 -0.89 5.44
N LYS A 282 12.61 0.37 5.70
CA LYS A 282 11.74 0.70 6.81
C LYS A 282 10.35 0.09 6.56
N LEU A 283 9.86 0.19 5.33
CA LEU A 283 8.57 -0.37 5.00
C LEU A 283 8.60 -1.87 5.20
N LEU A 284 9.65 -2.51 4.71
CA LEU A 284 9.82 -3.94 4.89
C LEU A 284 9.81 -4.27 6.38
N TRP A 285 10.57 -3.51 7.15
CA TRP A 285 10.62 -3.72 8.59
C TRP A 285 9.23 -3.52 9.23
N LEU A 286 8.52 -2.48 8.82
CA LEU A 286 7.23 -2.16 9.37
C LEU A 286 6.23 -3.31 9.10
N ASN A 287 6.28 -3.88 7.90
CA ASN A 287 5.38 -4.94 7.54
C ASN A 287 5.66 -6.19 8.37
N GLY A 288 6.92 -6.42 8.71
CA GLY A 288 7.27 -7.53 9.60
C GLY A 288 6.69 -7.37 11.00
N GLU A 289 6.67 -6.13 11.51
CA GLU A 289 6.09 -5.86 12.83
C GLU A 289 4.60 -6.19 12.86
N TYR A 290 3.89 -5.79 11.82
CA TYR A 290 2.48 -6.13 11.70
C TYR A 290 2.29 -7.63 11.46
N MET A 291 3.11 -8.21 10.58
CA MET A 291 3.06 -9.65 10.30
C MET A 291 3.09 -10.46 11.58
N ARG A 292 4.05 -10.13 12.45
CA ARG A 292 4.25 -10.90 13.66
C ARG A 292 3.17 -10.64 14.73
N THR A 293 2.69 -9.41 14.83
CA THR A 293 1.86 -9.01 16.00
C THR A 293 0.37 -8.91 15.74
N MET A 294 -0.06 -8.85 14.49
CA MET A 294 -1.48 -8.73 14.20
C MET A 294 -2.23 -10.00 14.64
N PRO A 295 -3.54 -9.91 14.89
CA PRO A 295 -4.28 -11.11 15.29
C PRO A 295 -4.22 -12.21 14.25
N LEU A 296 -4.04 -13.46 14.71
CA LEU A 296 -3.85 -14.59 13.80
C LEU A 296 -5.04 -14.74 12.86
N ASP A 297 -6.27 -14.67 13.40
CA ASP A 297 -7.46 -14.81 12.58
C ASP A 297 -7.61 -13.66 11.58
N GLU A 298 -6.95 -12.54 11.85
CA GLU A 298 -6.92 -11.43 10.89
C GLU A 298 -5.88 -11.69 9.80
N LEU A 299 -4.80 -12.37 10.15
CA LEU A 299 -3.75 -12.66 9.22
C LEU A 299 -4.10 -13.79 8.28
N PHE A 300 -4.79 -14.80 8.82
CA PHE A 300 -5.09 -16.01 8.04
C PHE A 300 -5.77 -15.76 6.68
N PRO A 301 -6.79 -14.88 6.62
CA PRO A 301 -7.41 -14.64 5.32
C PRO A 301 -6.46 -14.08 4.27
N HIS A 302 -5.55 -13.19 4.67
CA HIS A 302 -4.50 -12.74 3.79
C HIS A 302 -3.67 -13.94 3.31
N ALA A 303 -3.24 -14.79 4.25
CA ALA A 303 -2.34 -15.89 3.94
C ALA A 303 -2.96 -16.85 2.94
N LEU A 304 -4.23 -17.18 3.13
CA LEU A 304 -4.93 -18.02 2.17
C LEU A 304 -4.89 -17.41 0.78
N SER A 305 -5.17 -16.11 0.72
CA SER A 305 -5.19 -15.41 -0.56
C SER A 305 -3.79 -15.44 -1.21
N TRP A 306 -2.74 -15.34 -0.42
CA TRP A 306 -1.39 -15.45 -0.93
C TRP A 306 -1.14 -16.86 -1.40
N LEU A 307 -1.59 -17.83 -0.62
CA LEU A 307 -1.44 -19.24 -0.93
C LEU A 307 -2.18 -19.65 -2.17
N LYS A 308 -3.33 -19.05 -2.44
CA LYS A 308 -4.07 -19.40 -3.64
C LYS A 308 -3.36 -19.06 -4.90
N LYS A 309 -2.42 -18.15 -4.84
CA LYS A 309 -1.56 -17.90 -5.97
C LYS A 309 -0.37 -18.91 -5.87
N ALA A 310 -0.73 -20.16 -6.10
CA ALA A 310 0.10 -21.38 -6.11
C ALA A 310 -0.20 -22.63 -5.20
N GLY A 311 0.19 -22.55 -3.95
CA GLY A 311 0.20 -23.62 -2.96
C GLY A 311 -1.04 -24.30 -2.48
N LEU A 312 -2.19 -23.73 -2.72
CA LEU A 312 -3.40 -24.33 -2.28
C LEU A 312 -4.47 -24.11 -3.30
N ILE A 313 -5.39 -25.05 -3.26
CA ILE A 313 -6.55 -25.14 -4.11
C ILE A 313 -7.63 -24.22 -3.59
N ASP A 314 -8.60 -23.95 -4.42
CA ASP A 314 -9.56 -22.95 -4.07
C ASP A 314 -10.54 -23.35 -2.99
N ASP A 315 -10.01 -23.37 -1.78
CA ASP A 315 -10.65 -23.69 -0.55
C ASP A 315 -11.38 -24.99 -0.52
N HIS A 316 -10.66 -25.93 -1.08
CA HIS A 316 -11.06 -27.28 -1.11
C HIS A 316 -9.96 -27.90 -0.35
N TYR A 317 -9.15 -27.07 0.30
CA TYR A 317 -8.09 -27.60 1.07
C TYR A 317 -8.83 -28.03 2.30
N ASP A 318 -8.75 -29.31 2.64
CA ASP A 318 -9.57 -29.83 3.70
C ASP A 318 -8.92 -29.67 5.08
N ASN A 319 -7.58 -29.64 5.14
CA ASN A 319 -6.94 -29.50 6.42
C ASN A 319 -6.63 -28.04 6.71
N ILE A 320 -7.70 -27.28 6.93
CA ILE A 320 -7.59 -25.94 7.45
C ILE A 320 -6.78 -25.88 8.76
N PRO A 321 -7.06 -26.76 9.74
CA PRO A 321 -6.30 -26.65 11.00
C PRO A 321 -4.79 -26.69 10.83
N PHE A 322 -4.29 -27.60 9.99
CA PHE A 322 -2.86 -27.68 9.72
C PHE A 322 -2.35 -26.39 9.09
N LEU A 323 -3.11 -25.85 8.14
CA LEU A 323 -2.74 -24.60 7.50
C LEU A 323 -2.57 -23.47 8.49
N LYS A 324 -3.53 -23.29 9.37
CA LYS A 324 -3.42 -22.26 10.42
C LYS A 324 -2.17 -22.49 11.28
N GLY A 325 -1.88 -23.74 11.60
CA GLY A 325 -0.69 -24.05 12.35
C GLY A 325 0.57 -23.63 11.62
N ALA A 326 0.64 -23.93 10.32
CA ALA A 326 1.83 -23.59 9.53
C ALA A 326 1.96 -22.09 9.31
N VAL A 327 0.84 -21.40 9.15
CA VAL A 327 0.87 -19.94 9.05
C VAL A 327 1.32 -19.33 10.38
N ALA A 328 0.77 -19.83 11.48
CA ALA A 328 1.09 -19.27 12.79
C ALA A 328 2.57 -19.34 13.12
N ILE A 329 3.27 -20.37 12.66
CA ILE A 329 4.67 -20.53 12.99
C ILE A 329 5.58 -19.78 12.02
N VAL A 330 5.19 -19.71 10.76
CA VAL A 330 5.96 -18.95 9.78
C VAL A 330 5.82 -17.45 10.06
N ARG A 331 4.65 -17.02 10.54
CA ARG A 331 4.35 -15.59 10.68
C ARG A 331 5.25 -14.86 11.65
N GLU A 332 5.73 -15.55 12.67
CA GLU A 332 6.51 -14.86 13.68
C GLU A 332 7.94 -14.54 13.26
N LYS A 333 8.36 -15.04 12.10
CA LYS A 333 9.71 -14.81 11.62
C LYS A 333 9.83 -14.13 10.26
N VAL A 334 8.76 -14.09 9.47
CA VAL A 334 8.85 -13.56 8.09
C VAL A 334 8.31 -12.14 8.03
N LYS A 335 8.67 -11.44 6.98
CA LYS A 335 8.35 -10.01 6.86
C LYS A 335 7.21 -9.69 5.89
N THR A 336 6.99 -10.55 4.89
CA THR A 336 5.99 -10.30 3.86
C THR A 336 5.30 -11.60 3.48
N GLY A 337 4.16 -11.46 2.81
CA GLY A 337 3.46 -12.60 2.25
C GLY A 337 4.34 -13.45 1.35
N LYS A 338 5.21 -12.82 0.58
CA LYS A 338 6.13 -13.53 -0.29
C LYS A 338 7.09 -14.40 0.53
N GLU A 339 7.59 -13.88 1.64
CA GLU A 339 8.46 -14.66 2.51
C GLU A 339 7.74 -15.84 3.14
N LEU A 340 6.51 -15.60 3.56
CA LEU A 340 5.68 -16.65 4.11
C LEU A 340 5.51 -17.80 3.11
N ILE A 341 5.16 -17.46 1.88
CA ILE A 341 5.00 -18.45 0.82
C ILE A 341 6.29 -19.28 0.59
N ASP A 342 7.43 -18.58 0.55
CA ASP A 342 8.70 -19.26 0.49
C ASP A 342 8.88 -20.23 1.68
N TRP A 343 8.69 -19.73 2.89
CA TRP A 343 8.93 -20.54 4.09
C TRP A 343 7.90 -21.66 4.32
N ILE A 344 6.67 -21.44 3.89
CA ILE A 344 5.60 -22.42 4.10
C ILE A 344 5.61 -23.49 3.01
N LYS A 345 6.24 -23.20 1.88
CA LYS A 345 6.33 -24.13 0.74
C LYS A 345 6.75 -25.57 1.10
N PRO A 346 7.87 -25.74 1.83
CA PRO A 346 8.25 -27.09 2.19
C PRO A 346 7.28 -27.78 3.18
N LEU A 347 6.62 -27.00 4.02
CA LEU A 347 5.63 -27.55 4.97
C LEU A 347 4.45 -28.19 4.25
N LEU A 348 4.04 -27.59 3.13
CA LEU A 348 2.88 -28.04 2.39
C LEU A 348 3.23 -29.05 1.33
N SER A 349 4.49 -29.03 0.90
CA SER A 349 4.94 -29.85 -0.23
C SER A 349 4.96 -31.34 0.13
N ASN A 350 4.90 -32.17 -0.89
CA ASN A 350 5.09 -33.61 -0.75
C ASN A 350 6.51 -34.06 -1.10
N GLN A 351 7.00 -33.61 -2.25
CA GLN A 351 8.43 -33.66 -2.54
C GLN A 351 9.15 -32.55 -1.78
N ILE A 352 10.44 -32.71 -1.60
CA ILE A 352 11.25 -31.68 -0.98
C ILE A 352 12.35 -31.24 -1.93
N GLU A 353 12.58 -29.92 -1.95
CA GLU A 353 13.48 -29.28 -2.88
C GLU A 353 14.92 -29.22 -2.25
N TYR A 354 15.71 -30.30 -2.43
CA TYR A 354 17.09 -30.34 -1.90
C TYR A 354 18.11 -29.95 -2.97
N ASN A 355 19.01 -29.02 -2.65
CA ASN A 355 20.17 -28.74 -3.50
C ASN A 355 21.38 -29.51 -2.99
N ASP A 356 22.41 -29.60 -3.83
CA ASP A 356 23.54 -30.47 -3.52
C ASP A 356 24.41 -29.95 -2.39
N ALA A 357 24.52 -28.64 -2.27
CA ALA A 357 25.34 -28.04 -1.21
C ALA A 357 24.81 -28.35 0.20
N VAL A 358 23.50 -28.33 0.36
CA VAL A 358 22.91 -28.66 1.66
C VAL A 358 23.02 -30.16 1.91
N LEU A 359 22.99 -30.96 0.85
CA LEU A 359 23.06 -32.41 0.99
C LEU A 359 24.43 -32.91 1.43
N GLN A 360 25.48 -32.32 0.88
CA GLN A 360 26.83 -32.71 1.26
C GLN A 360 27.26 -32.17 2.63
N GLN A 361 26.63 -31.09 3.09
CA GLN A 361 26.99 -30.52 4.39
C GLN A 361 26.25 -31.16 5.55
N TYR A 362 24.95 -31.42 5.38
CA TYR A 362 24.08 -31.81 6.48
C TYR A 362 23.67 -33.28 6.44
N LEU A 363 23.35 -33.78 5.24
CA LEU A 363 22.95 -35.16 5.05
C LEU A 363 24.09 -36.04 4.54
N ASP A 364 25.31 -35.71 4.94
CA ASP A 364 26.35 -36.61 4.56
C ASP A 364 26.15 -37.92 5.33
N ASN A 365 27.19 -38.71 5.44
CA ASN A 365 27.15 -39.99 6.12
C ASN A 365 27.16 -39.69 7.59
N GLU A 366 27.97 -38.76 8.07
CA GLU A 366 27.92 -38.36 9.42
C GLU A 366 26.57 -37.77 9.80
N GLY A 367 25.95 -36.99 8.93
CA GLY A 367 24.64 -36.45 9.19
C GLY A 367 23.53 -37.46 9.26
N LYS A 368 23.55 -38.43 8.38
CA LYS A 368 22.56 -39.48 8.34
C LYS A 368 22.58 -40.29 9.56
N ASN A 369 23.77 -40.59 10.03
CA ASN A 369 23.98 -41.32 11.28
C ASN A 369 23.47 -40.53 12.47
N ILE A 370 23.63 -39.21 12.43
CA ILE A 370 23.08 -38.37 13.49
C ILE A 370 21.56 -38.45 13.48
N LEU A 371 20.95 -38.29 12.32
CA LEU A 371 19.50 -38.46 12.19
C LEU A 371 19.07 -39.86 12.53
N LYS A 372 19.88 -40.85 12.18
CA LYS A 372 19.60 -42.26 12.57
C LYS A 372 19.59 -42.44 14.08
N GLU A 373 20.39 -41.67 14.80
CA GLU A 373 20.31 -41.67 16.23
C GLU A 373 18.95 -41.20 16.74
N ALA A 374 18.34 -40.22 16.06
CA ALA A 374 17.09 -39.62 16.56
C ALA A 374 15.82 -40.38 16.15
N PHE A 375 15.82 -40.94 14.95
CA PHE A 375 14.63 -41.59 14.38
C PHE A 375 13.90 -42.54 15.33
N PRO A 376 14.63 -43.44 16.02
CA PRO A 376 13.91 -44.36 16.92
C PRO A 376 13.15 -43.67 18.06
N TYR A 377 13.68 -42.55 18.54
CA TYR A 377 13.06 -41.82 19.64
C TYR A 377 12.00 -40.83 19.17
N LEU A 378 12.18 -40.28 17.97
CA LEU A 378 11.14 -39.45 17.41
C LEU A 378 9.85 -40.24 17.17
N GLU A 379 9.95 -41.55 16.93
CA GLU A 379 8.77 -42.39 16.75
C GLU A 379 8.17 -42.93 18.04
N LYS A 380 8.91 -42.88 19.12
CA LYS A 380 8.43 -43.34 20.37
C LYS A 380 7.86 -42.24 21.17
N VAL A 381 8.16 -41.02 20.81
CA VAL A 381 7.78 -39.89 21.63
C VAL A 381 6.28 -39.60 21.55
N SER A 382 5.69 -39.32 22.71
CA SER A 382 4.23 -39.13 22.82
C SER A 382 3.94 -38.31 24.09
N PRO A 383 3.23 -37.19 23.98
CA PRO A 383 2.67 -36.65 22.74
C PRO A 383 3.71 -36.01 21.83
N PHE A 384 3.47 -36.02 20.52
CA PHE A 384 4.38 -35.40 19.55
C PHE A 384 4.23 -33.86 19.64
N HIS A 385 4.56 -33.31 20.81
CA HIS A 385 4.39 -31.90 21.08
C HIS A 385 5.74 -31.19 21.28
N SER A 386 5.71 -29.87 21.18
CA SER A 386 6.91 -29.06 21.16
C SER A 386 7.79 -29.30 22.38
N LYS A 387 7.20 -29.33 23.56
CA LYS A 387 7.95 -29.54 24.77
C LYS A 387 8.60 -30.93 24.77
N GLU A 388 7.78 -31.98 24.62
CA GLU A 388 8.28 -33.35 24.66
C GLU A 388 9.33 -33.61 23.57
N LEU A 389 9.14 -33.01 22.40
CA LEU A 389 10.10 -33.17 21.33
C LEU A 389 11.43 -32.51 21.69
N GLU A 390 11.39 -31.38 22.37
CA GLU A 390 12.64 -30.73 22.80
C GLU A 390 13.32 -31.52 23.92
N GLU A 391 12.54 -32.13 24.80
CA GLU A 391 13.14 -32.97 25.83
C GLU A 391 13.79 -34.20 25.22
N THR A 392 13.19 -34.76 24.18
CA THR A 392 13.78 -35.90 23.51
C THR A 392 15.12 -35.56 22.85
N ILE A 393 15.22 -34.37 22.26
CA ILE A 393 16.46 -33.95 21.59
C ILE A 393 17.53 -33.60 22.60
N LYS A 394 17.15 -32.93 23.69
CA LYS A 394 18.10 -32.65 24.77
C LYS A 394 18.69 -33.93 25.33
N SER A 395 17.83 -34.92 25.57
CA SER A 395 18.25 -36.22 26.08
C SER A 395 19.17 -36.94 25.07
N LEU A 396 18.77 -36.90 23.79
CA LEU A 396 19.62 -37.45 22.73
C LEU A 396 21.02 -36.83 22.72
N ALA A 397 21.08 -35.51 22.87
CA ALA A 397 22.37 -34.81 22.83
C ALA A 397 23.26 -35.27 23.97
N MET A 398 22.68 -35.48 25.14
CA MET A 398 23.45 -35.92 26.29
C MET A 398 23.91 -37.36 26.11
N LYS A 399 23.05 -38.21 25.56
CA LYS A 399 23.38 -39.61 25.39
C LYS A 399 24.57 -39.82 24.46
N HIS A 400 24.68 -38.96 23.44
CA HIS A 400 25.67 -39.18 22.39
C HIS A 400 26.82 -38.20 22.44
N GLY A 401 26.91 -37.40 23.49
CA GLY A 401 27.91 -36.36 23.58
C GLY A 401 27.87 -35.39 22.41
N ARG A 402 26.67 -35.01 21.96
CA ARG A 402 26.51 -34.03 20.88
C ARG A 402 25.89 -32.74 21.40
N LYS A 403 25.77 -31.76 20.52
CA LYS A 403 24.97 -30.57 20.78
C LYS A 403 23.56 -30.75 20.20
N THR A 404 22.57 -30.09 20.78
CA THR A 404 21.23 -30.14 20.22
C THR A 404 21.19 -29.56 18.81
N ALA A 405 22.08 -28.61 18.54
CA ALA A 405 22.16 -28.02 17.19
C ALA A 405 22.55 -29.07 16.16
N ASP A 406 23.35 -30.05 16.55
CA ASP A 406 23.75 -31.12 15.64
C ASP A 406 22.55 -31.91 15.12
N TYR A 407 21.50 -32.04 15.95
CA TYR A 407 20.24 -32.66 15.49
C TYR A 407 19.28 -31.65 14.86
N ILE A 408 19.19 -30.45 15.45
CA ILE A 408 18.17 -29.50 15.06
C ILE A 408 18.30 -29.09 13.60
N HIS A 409 19.49 -28.70 13.19
CA HIS A 409 19.72 -28.22 11.85
C HIS A 409 19.53 -29.28 10.81
N ARG A 410 20.15 -30.43 11.03
CA ARG A 410 19.97 -31.57 10.12
C ARG A 410 18.50 -32.01 10.02
N LEU A 411 17.78 -31.94 11.11
CA LEU A 411 16.34 -32.20 11.08
C LEU A 411 15.61 -31.23 10.16
N ARG A 412 15.88 -29.95 10.31
CA ARG A 412 15.26 -28.97 9.43
C ARG A 412 15.65 -29.21 7.97
N VAL A 413 16.89 -29.55 7.72
CA VAL A 413 17.35 -29.79 6.34
C VAL A 413 16.67 -31.02 5.74
N ALA A 414 16.60 -32.10 6.53
CA ALA A 414 15.98 -33.32 6.06
C ALA A 414 14.48 -33.15 5.78
N LEU A 415 13.80 -32.35 6.61
CA LEU A 415 12.35 -32.19 6.50
C LEU A 415 11.91 -31.12 5.49
N THR A 416 12.71 -30.06 5.34
CA THR A 416 12.32 -28.92 4.48
C THR A 416 13.31 -28.56 3.36
N GLY A 417 14.51 -29.12 3.39
CA GLY A 417 15.55 -28.71 2.45
C GLY A 417 16.09 -27.31 2.72
N ARG A 418 15.71 -26.68 3.83
CA ARG A 418 16.11 -25.31 4.15
C ARG A 418 16.97 -25.29 5.40
N THR A 419 17.81 -24.28 5.45
CA THR A 419 18.74 -24.01 6.54
C THR A 419 18.14 -23.09 7.58
N VAL A 420 17.20 -22.23 7.19
CA VAL A 420 16.47 -21.41 8.15
C VAL A 420 14.99 -21.63 7.93
N GLY A 421 14.19 -21.30 8.93
CA GLY A 421 12.75 -21.48 8.87
C GLY A 421 12.10 -21.32 10.25
N PRO A 422 10.85 -21.78 10.36
CA PRO A 422 10.13 -21.59 11.61
C PRO A 422 10.77 -22.39 12.75
N SER A 423 10.38 -22.06 13.98
N SER A 423 10.38 -22.06 13.98
CA SER A 423 10.93 -22.71 15.16
CA SER A 423 10.94 -22.72 15.17
C SER A 423 10.84 -24.24 15.04
C SER A 423 10.84 -24.24 15.05
N LEU A 424 11.97 -24.91 15.22
CA LEU A 424 12.10 -26.31 14.87
C LEU A 424 11.11 -27.23 15.58
N TYR A 425 10.93 -27.01 16.87
CA TYR A 425 10.07 -27.88 17.65
C TYR A 425 8.58 -27.66 17.35
N PRO A 426 8.13 -26.39 17.31
CA PRO A 426 6.77 -26.18 16.80
C PRO A 426 6.58 -26.73 15.38
N MET A 427 7.58 -26.55 14.51
CA MET A 427 7.48 -27.11 13.16
C MET A 427 7.30 -28.63 13.18
N LEU A 428 8.02 -29.31 14.06
CA LEU A 428 7.85 -30.73 14.19
C LEU A 428 6.41 -31.07 14.59
N GLU A 429 5.86 -30.31 15.54
CA GLU A 429 4.50 -30.53 16.03
C GLU A 429 3.49 -30.35 14.89
N VAL A 430 3.56 -29.22 14.20
CA VAL A 430 2.61 -28.89 13.17
C VAL A 430 2.60 -29.95 12.06
N LEU A 431 3.76 -30.43 11.64
CA LEU A 431 3.82 -31.46 10.61
C LEU A 431 3.18 -32.77 11.10
N GLY A 432 3.46 -33.13 12.34
CA GLY A 432 2.96 -34.36 12.90
C GLY A 432 3.89 -35.54 12.70
N LYS A 433 3.68 -36.56 13.51
CA LYS A 433 4.58 -37.70 13.58
C LYS A 433 4.68 -38.41 12.24
N GLU A 434 3.56 -38.66 11.59
CA GLU A 434 3.55 -39.43 10.34
C GLU A 434 4.31 -38.73 9.26
N LYS A 435 4.04 -37.45 9.04
CA LYS A 435 4.76 -36.67 8.04
C LYS A 435 6.25 -36.59 8.37
N VAL A 436 6.58 -36.36 9.63
CA VAL A 436 7.98 -36.26 10.05
C VAL A 436 8.69 -37.58 9.81
N LEU A 437 8.10 -38.67 10.29
CA LEU A 437 8.75 -39.97 10.17
C LEU A 437 8.87 -40.44 8.74
N ASN A 438 7.82 -40.23 7.95
CA ASN A 438 7.86 -40.64 6.55
C ASN A 438 8.96 -39.90 5.78
N ARG A 439 9.12 -38.60 6.04
CA ARG A 439 10.18 -37.82 5.39
C ARG A 439 11.57 -38.20 5.89
N LEU A 440 11.73 -38.39 7.20
CA LEU A 440 13.00 -38.86 7.72
C LEU A 440 13.34 -40.23 7.19
N HIS A 441 12.34 -41.09 7.08
CA HIS A 441 12.55 -42.43 6.57
C HIS A 441 13.01 -42.40 5.11
N LYS A 442 12.40 -41.53 4.32
CA LYS A 442 12.72 -41.44 2.91
C LYS A 442 14.15 -40.92 2.72
N VAL A 443 14.49 -39.87 3.45
CA VAL A 443 15.84 -39.32 3.39
C VAL A 443 16.89 -40.38 3.78
N LEU A 444 16.61 -41.15 4.82
CA LEU A 444 17.60 -42.08 5.35
C LEU A 444 17.68 -43.40 4.60
N PHE A 445 16.62 -43.80 3.90
CA PHE A 445 16.54 -45.14 3.34
C PHE A 445 16.09 -45.19 1.87
N GLU A 446 16.26 -44.09 1.15
CA GLU A 446 16.25 -44.13 -0.32
C GLU A 446 17.70 -44.21 -0.79
#